data_1SKM
#
_entry.id   1SKM
#
_cell.length_a   95.681
_cell.length_b   95.681
_cell.length_c   315.683
_cell.angle_alpha   90.00
_cell.angle_beta   90.00
_cell.angle_gamma   120.00
#
_symmetry.space_group_name_H-M   'H 3 2'
#
loop_
_entity.id
_entity.type
_entity.pdbx_description
1 polymer "5'-D(*TP*CP*CP*AP*TP*GP*CP*GP*CP*TP*GP*AP*C)-3'"
2 polymer "5'-D(*T*GP*TP*CP*AP*GP*(HCX)P*GP*CP*AP*TP*GP*G)-3'"
3 polymer 'Modification methylase HhaI'
4 non-polymer S-ADENOSYL-L-HOMOCYSTEINE
5 water water
#
loop_
_entity_poly.entity_id
_entity_poly.type
_entity_poly.pdbx_seq_one_letter_code
_entity_poly.pdbx_strand_id
1 'polydeoxyribonucleotide' (DT)(DC)(DC)(DA)(DT)(DG)(DC)(DG)(DC)(DT)(DG)(DA)(DC) C
2 'polydeoxyribonucleotide' (DT)(DG)(DT)(DC)(DA)(DG)(HCX)(DG)(DC)(DA)(DT)(DG)(DG) D
3 'polypeptide(L)'
;MIEIKDKQLTGLRFIDLFAGLGGFRLALESCGAECVYSNEWDKYAQEVYEMNFGEKPEGDITQVNEKTIPDHDILCAGFP
CQAFSISGKQKGFEDSRGTLFFDIARIVREKKPKVVFMENVKNFASHDNGNTLEVVKNTMNELDYSFHAKVLNALDYGIP
QKRERIYMICFRNDLNIQNFQFPKPFELNTFVKDLLLPDSEVEHLVIDRKDLVMTNQEIEQTTPKTVRLGIVGKGGQGER
IYSTRGIAITLSAYGGGIFAKTGGYLVNGKTRKLHPRECARVMGYPDSYKVHPSTSQAYKQFGNSVVINVLQYIAYNIGS
SLNFKPY
;
A
#
loop_
_chem_comp.id
_chem_comp.type
_chem_comp.name
_chem_comp.formula
DA DNA linking 2'-DEOXYADENOSINE-5'-MONOPHOSPHATE 'C10 H14 N5 O6 P'
DC DNA linking 2'-DEOXYCYTIDINE-5'-MONOPHOSPHATE 'C9 H14 N3 O7 P'
DG DNA linking 2'-DEOXYGUANOSINE-5'-MONOPHOSPHATE 'C10 H14 N5 O7 P'
DT DNA linking THYMIDINE-5'-MONOPHOSPHATE 'C10 H15 N2 O8 P'
HCX non-polymer '(SOUTH) BICYCLO[3.1.0]HEXANE' 'C7 H13 O4 P'
#
# COMPACT_ATOMS: atom_id res chain seq x y z
P HCX B 7 9.76 0.77 -6.33
O1P HCX B 7 9.75 -0.31 -7.33
O2P HCX B 7 9.29 2.13 -6.71
O5' HCX B 7 8.92 0.33 -5.07
C4 HCX B 7 10.18 -0.52 -2.82
C7 HCX B 7 11.16 -0.89 -1.73
C2' HCX B 7 8.94 -2.33 -1.76
C5' HCX B 7 8.72 -1.05 -4.78
C4' HCX B 7 9.83 -1.55 -3.87
C1' HCX B 7 9.67 -1.02 -1.50
C3' HCX B 7 9.50 -2.82 -3.10
O3' HCX B 7 10.69 -3.58 -2.91
N MET C 1 -4.90 6.75 9.60
CA MET C 1 -6.12 6.91 8.74
C MET C 1 -6.99 8.05 9.24
N ILE C 2 -7.86 8.55 8.38
CA ILE C 2 -8.75 9.65 8.73
C ILE C 2 -10.16 9.13 9.00
N GLU C 3 -11.03 10.02 9.48
CA GLU C 3 -12.40 9.64 9.74
C GLU C 3 -13.34 10.10 8.63
N ILE C 4 -14.18 9.19 8.17
CA ILE C 4 -15.14 9.47 7.11
C ILE C 4 -16.54 9.63 7.71
N LYS C 5 -17.09 10.83 7.57
CA LYS C 5 -18.43 11.11 8.09
C LYS C 5 -19.50 10.47 7.22
N ASP C 6 -19.46 10.76 5.92
CA ASP C 6 -20.43 10.21 4.97
C ASP C 6 -19.97 8.85 4.44
N LYS C 7 -20.52 7.77 4.99
CA LYS C 7 -20.18 6.41 4.58
C LYS C 7 -20.72 6.08 3.18
N GLN C 8 -19.99 6.49 2.16
CA GLN C 8 -20.40 6.26 0.78
C GLN C 8 -20.64 4.81 0.39
N LEU C 9 -19.85 3.89 0.95
CA LEU C 9 -19.97 2.49 0.60
C LEU C 9 -20.93 1.63 1.42
N THR C 10 -21.73 2.26 2.28
CA THR C 10 -22.68 1.51 3.09
C THR C 10 -23.56 0.60 2.22
N GLY C 11 -23.78 -0.62 2.69
CA GLY C 11 -24.61 -1.58 1.96
C GLY C 11 -23.88 -2.39 0.91
N LEU C 12 -22.63 -2.03 0.63
CA LEU C 12 -21.85 -2.74 -0.38
C LEU C 12 -20.94 -3.81 0.22
N ARG C 13 -20.74 -4.88 -0.53
CA ARG C 13 -19.88 -5.98 -0.10
C ARG C 13 -18.61 -5.98 -0.93
N PHE C 14 -17.50 -6.42 -0.33
CA PHE C 14 -16.24 -6.48 -1.06
C PHE C 14 -15.38 -7.64 -0.59
N ILE C 15 -14.45 -8.07 -1.44
CA ILE C 15 -13.55 -9.16 -1.08
C ILE C 15 -12.13 -8.60 -0.99
N ASP C 16 -11.38 -9.11 -0.03
CA ASP C 16 -10.02 -8.67 0.26
C ASP C 16 -8.97 -9.65 -0.26
N LEU C 17 -8.60 -9.53 -1.53
CA LEU C 17 -7.60 -10.42 -2.12
C LEU C 17 -6.17 -9.95 -1.83
N PHE C 18 -5.26 -10.91 -1.69
CA PHE C 18 -3.87 -10.59 -1.38
C PHE C 18 -3.91 -9.69 -0.14
N ALA C 19 -4.80 -10.06 0.78
CA ALA C 19 -5.07 -9.31 2.00
C ALA C 19 -3.90 -8.69 2.76
N GLY C 20 -2.85 -9.46 2.99
CA GLY C 20 -1.71 -8.94 3.74
C GLY C 20 -2.20 -8.48 5.11
N LEU C 21 -1.84 -7.26 5.49
CA LEU C 21 -2.25 -6.69 6.78
C LEU C 21 -3.74 -6.31 6.77
N GLY C 22 -4.33 -6.19 5.59
CA GLY C 22 -5.73 -5.83 5.52
C GLY C 22 -5.97 -4.33 5.37
N GLY C 23 -5.02 -3.64 4.75
CA GLY C 23 -5.15 -2.20 4.55
C GLY C 23 -6.42 -1.87 3.79
N PHE C 24 -6.71 -2.62 2.74
CA PHE C 24 -7.94 -2.39 1.98
C PHE C 24 -9.17 -2.56 2.86
N ARG C 25 -9.17 -3.55 3.76
CA ARG C 25 -10.34 -3.73 4.61
C ARG C 25 -10.55 -2.50 5.51
N LEU C 26 -9.49 -2.04 6.16
CA LEU C 26 -9.59 -0.86 7.02
C LEU C 26 -10.20 0.31 6.25
N ALA C 27 -9.70 0.54 5.04
CA ALA C 27 -10.17 1.64 4.21
C ALA C 27 -11.62 1.49 3.75
N LEU C 28 -11.98 0.34 3.19
CA LEU C 28 -13.34 0.14 2.72
C LEU C 28 -14.35 0.07 3.87
N GLU C 29 -13.94 -0.48 5.00
CA GLU C 29 -14.85 -0.56 6.14
C GLU C 29 -15.07 0.84 6.71
N SER C 30 -14.04 1.68 6.70
CA SER C 30 -14.20 3.03 7.23
C SER C 30 -15.27 3.75 6.43
N CYS C 31 -15.50 3.31 5.20
CA CYS C 31 -16.51 3.91 4.33
C CYS C 31 -17.87 3.18 4.41
N GLY C 32 -17.98 2.25 5.35
CA GLY C 32 -19.24 1.53 5.52
C GLY C 32 -19.43 0.24 4.74
N ALA C 33 -18.40 -0.22 4.03
CA ALA C 33 -18.51 -1.46 3.26
C ALA C 33 -18.34 -2.70 4.14
N GLU C 34 -18.81 -3.84 3.65
CA GLU C 34 -18.72 -5.09 4.41
C GLU C 34 -17.83 -6.11 3.69
N CYS C 35 -16.87 -6.67 4.42
CA CYS C 35 -15.97 -7.67 3.84
C CYS C 35 -16.59 -9.06 3.94
N VAL C 36 -16.70 -9.76 2.82
CA VAL C 36 -17.30 -11.08 2.81
C VAL C 36 -16.33 -12.19 2.38
N TYR C 37 -15.08 -11.85 2.17
CA TYR C 37 -14.09 -12.84 1.79
C TYR C 37 -12.70 -12.26 1.77
N SER C 38 -11.74 -13.02 2.27
CA SER C 38 -10.36 -12.56 2.29
C SER C 38 -9.47 -13.72 1.88
N ASN C 39 -8.33 -13.41 1.27
CA ASN C 39 -7.42 -14.44 0.81
C ASN C 39 -6.00 -13.94 0.94
N GLU C 40 -5.13 -14.78 1.51
CA GLU C 40 -3.73 -14.44 1.75
C GLU C 40 -3.04 -15.77 2.10
N TRP C 41 -1.93 -16.09 1.43
CA TRP C 41 -1.27 -17.36 1.69
C TRP C 41 -0.08 -17.33 2.65
N ASP C 42 0.33 -16.15 3.08
CA ASP C 42 1.46 -16.08 4.02
C ASP C 42 1.01 -16.37 5.45
N LYS C 43 1.60 -17.40 6.03
CA LYS C 43 1.32 -17.85 7.39
C LYS C 43 1.31 -16.71 8.40
N TYR C 44 2.39 -15.95 8.44
CA TYR C 44 2.51 -14.84 9.38
C TYR C 44 1.51 -13.73 9.08
N ALA C 45 1.28 -13.46 7.79
CA ALA C 45 0.31 -12.44 7.41
C ALA C 45 -1.07 -12.93 7.85
N GLN C 46 -1.33 -14.22 7.70
CA GLN C 46 -2.61 -14.76 8.11
C GLN C 46 -2.81 -14.56 9.62
N GLU C 47 -1.75 -14.79 10.39
CA GLU C 47 -1.84 -14.63 11.83
C GLU C 47 -2.18 -13.20 12.26
N VAL C 48 -1.48 -12.22 11.68
CA VAL C 48 -1.73 -10.83 12.04
C VAL C 48 -3.10 -10.38 11.57
N TYR C 49 -3.51 -10.87 10.41
CA TYR C 49 -4.82 -10.52 9.86
C TYR C 49 -5.89 -11.06 10.80
N GLU C 50 -5.71 -12.28 11.31
CA GLU C 50 -6.68 -12.85 12.23
C GLU C 50 -6.68 -12.10 13.57
N MET C 51 -5.52 -11.61 14.00
CA MET C 51 -5.42 -10.85 15.24
C MET C 51 -6.30 -9.60 15.20
N ASN C 52 -6.27 -8.91 14.06
CA ASN C 52 -7.01 -7.67 13.92
C ASN C 52 -8.43 -7.76 13.38
N PHE C 53 -8.78 -8.84 12.72
CA PHE C 53 -10.14 -8.95 12.18
C PHE C 53 -10.91 -10.16 12.71
N GLY C 54 -10.20 -11.12 13.29
CA GLY C 54 -10.86 -12.26 13.89
C GLY C 54 -11.22 -13.40 12.95
N GLU C 55 -10.46 -13.55 11.87
CA GLU C 55 -10.71 -14.61 10.92
C GLU C 55 -9.47 -14.88 10.08
N LYS C 56 -9.29 -16.13 9.69
CA LYS C 56 -8.13 -16.53 8.90
C LYS C 56 -8.46 -16.51 7.40
N PRO C 57 -7.66 -15.81 6.59
CA PRO C 57 -7.91 -15.75 5.15
C PRO C 57 -7.65 -17.09 4.47
N GLU C 58 -8.35 -17.35 3.37
CA GLU C 58 -8.16 -18.59 2.62
C GLU C 58 -6.78 -18.52 1.96
N GLY C 59 -6.20 -19.69 1.67
CA GLY C 59 -4.87 -19.75 1.08
C GLY C 59 -4.74 -19.62 -0.43
N ASP C 60 -3.53 -19.92 -0.92
CA ASP C 60 -3.18 -19.84 -2.34
C ASP C 60 -4.35 -19.62 -3.29
N ILE C 61 -4.51 -18.37 -3.74
CA ILE C 61 -5.59 -18.00 -4.63
C ILE C 61 -5.55 -18.74 -5.98
N THR C 62 -4.38 -19.20 -6.40
CA THR C 62 -4.32 -19.90 -7.68
C THR C 62 -5.02 -21.25 -7.62
N GLN C 63 -5.22 -21.78 -6.41
CA GLN C 63 -5.88 -23.07 -6.26
C GLN C 63 -7.31 -22.96 -5.75
N VAL C 64 -7.87 -21.76 -5.81
CA VAL C 64 -9.24 -21.53 -5.36
C VAL C 64 -10.18 -21.52 -6.55
N ASN C 65 -11.32 -22.20 -6.42
CA ASN C 65 -12.28 -22.24 -7.50
C ASN C 65 -13.10 -20.94 -7.45
N GLU C 66 -12.91 -20.07 -8.43
CA GLU C 66 -13.61 -18.79 -8.48
C GLU C 66 -15.08 -18.86 -8.14
N LYS C 67 -15.76 -19.92 -8.57
CA LYS C 67 -17.19 -20.08 -8.30
C LYS C 67 -17.44 -20.11 -6.79
N THR C 68 -16.42 -20.56 -6.06
CA THR C 68 -16.46 -20.68 -4.61
C THR C 68 -16.55 -19.35 -3.88
N ILE C 69 -16.04 -18.30 -4.52
CA ILE C 69 -16.04 -16.96 -3.93
C ILE C 69 -17.42 -16.33 -3.83
N PRO C 70 -17.72 -15.71 -2.68
CA PRO C 70 -19.01 -15.05 -2.40
C PRO C 70 -19.29 -13.84 -3.29
N ASP C 71 -20.55 -13.66 -3.65
CA ASP C 71 -20.96 -12.51 -4.46
C ASP C 71 -20.51 -11.25 -3.73
N HIS C 72 -20.05 -10.27 -4.49
CA HIS C 72 -19.59 -9.02 -3.92
C HIS C 72 -19.74 -7.88 -4.91
N ASP C 73 -19.68 -6.65 -4.42
CA ASP C 73 -19.83 -5.46 -5.26
C ASP C 73 -18.49 -4.85 -5.62
N ILE C 74 -17.49 -5.05 -4.77
CA ILE C 74 -16.18 -4.48 -5.04
C ILE C 74 -15.10 -5.52 -4.76
N LEU C 75 -14.17 -5.64 -5.69
CA LEU C 75 -13.06 -6.57 -5.54
C LEU C 75 -11.78 -5.74 -5.33
N CYS C 76 -11.14 -5.93 -4.18
CA CYS C 76 -9.91 -5.22 -3.84
C CYS C 76 -8.70 -6.12 -4.01
N ALA C 77 -7.63 -5.59 -4.61
CA ALA C 77 -6.43 -6.38 -4.83
C ALA C 77 -5.14 -5.59 -5.04
N GLY C 78 -4.26 -5.62 -4.03
CA GLY C 78 -2.96 -5.02 -4.15
C GLY C 78 -2.06 -6.21 -4.38
N PHE C 79 -1.97 -6.65 -5.64
CA PHE C 79 -1.22 -7.86 -5.95
C PHE C 79 0.29 -7.67 -5.96
N PRO C 80 1.05 -8.77 -5.87
CA PRO C 80 2.51 -8.78 -5.84
C PRO C 80 3.17 -7.83 -6.83
N CYS C 81 4.17 -7.10 -6.32
CA CYS C 81 4.88 -6.13 -7.14
C CYS C 81 6.35 -6.47 -7.35
N GLN C 82 6.86 -7.49 -6.67
CA GLN C 82 8.27 -7.84 -6.81
C GLN C 82 8.73 -8.01 -8.25
N ALA C 83 7.85 -8.53 -9.10
CA ALA C 83 8.20 -8.76 -10.49
C ALA C 83 8.13 -7.51 -11.35
N PHE C 84 7.66 -6.41 -10.76
CA PHE C 84 7.53 -5.15 -11.48
C PHE C 84 8.34 -4.01 -10.89
N SER C 85 8.84 -4.19 -9.67
CA SER C 85 9.64 -3.18 -8.99
C SER C 85 10.95 -2.90 -9.74
N ILE C 86 11.38 -1.65 -9.76
CA ILE C 86 12.62 -1.30 -10.45
C ILE C 86 13.80 -1.82 -9.66
N SER C 87 13.52 -2.30 -8.46
CA SER C 87 14.56 -2.81 -7.59
C SER C 87 14.83 -4.30 -7.82
N GLY C 88 13.97 -4.96 -8.59
CA GLY C 88 14.12 -6.37 -8.87
C GLY C 88 14.57 -6.68 -10.29
N LYS C 89 14.20 -7.86 -10.80
CA LYS C 89 14.58 -8.28 -12.14
C LYS C 89 13.61 -7.87 -13.23
N GLN C 90 12.44 -7.38 -12.84
CA GLN C 90 11.42 -6.94 -13.79
C GLN C 90 10.97 -8.01 -14.79
N LYS C 91 10.98 -9.28 -14.39
CA LYS C 91 10.56 -10.32 -15.30
C LYS C 91 9.06 -10.18 -15.59
N GLY C 92 8.37 -9.43 -14.74
CA GLY C 92 6.95 -9.23 -14.95
C GLY C 92 6.10 -10.48 -15.06
N PHE C 93 5.36 -10.61 -16.16
CA PHE C 93 4.51 -11.77 -16.37
C PHE C 93 5.26 -13.10 -16.50
N GLU C 94 6.57 -13.04 -16.74
CA GLU C 94 7.35 -14.27 -16.87
C GLU C 94 7.88 -14.73 -15.51
N ASP C 95 7.53 -13.98 -14.46
CA ASP C 95 7.93 -14.29 -13.09
C ASP C 95 6.76 -15.05 -12.46
N SER C 96 7.05 -16.04 -11.63
CA SER C 96 6.00 -16.81 -10.98
C SER C 96 5.11 -15.92 -10.11
N ARG C 97 5.67 -14.83 -9.61
CA ARG C 97 4.89 -13.92 -8.76
C ARG C 97 4.28 -12.79 -9.60
N GLY C 98 4.50 -12.81 -10.91
CA GLY C 98 3.95 -11.75 -11.75
C GLY C 98 2.70 -12.10 -12.54
N THR C 99 2.10 -13.26 -12.28
CA THR C 99 0.90 -13.66 -13.02
C THR C 99 -0.40 -13.60 -12.24
N LEU C 100 -0.34 -13.15 -10.99
CA LEU C 100 -1.53 -13.08 -10.16
C LEU C 100 -2.64 -12.23 -10.77
N PHE C 101 -2.30 -11.29 -11.64
CA PHE C 101 -3.34 -10.47 -12.23
C PHE C 101 -4.35 -11.33 -13.00
N PHE C 102 -3.85 -12.36 -13.67
CA PHE C 102 -4.74 -13.23 -14.44
C PHE C 102 -5.67 -14.02 -13.52
N ASP C 103 -5.23 -14.25 -12.28
CA ASP C 103 -6.06 -14.91 -11.30
C ASP C 103 -7.22 -13.96 -10.99
N ILE C 104 -6.88 -12.67 -10.90
CA ILE C 104 -7.87 -11.64 -10.62
C ILE C 104 -8.88 -11.60 -11.76
N ALA C 105 -8.38 -11.61 -12.99
CA ALA C 105 -9.23 -11.59 -14.17
C ALA C 105 -10.19 -12.76 -14.12
N ARG C 106 -9.65 -13.91 -13.75
CA ARG C 106 -10.42 -15.14 -13.65
C ARG C 106 -11.58 -15.00 -12.68
N ILE C 107 -11.31 -14.37 -11.53
CA ILE C 107 -12.35 -14.20 -10.53
C ILE C 107 -13.39 -13.20 -11.02
N VAL C 108 -12.92 -12.10 -11.60
CA VAL C 108 -13.81 -11.07 -12.12
C VAL C 108 -14.77 -11.66 -13.16
N ARG C 109 -14.22 -12.38 -14.13
CA ARG C 109 -15.00 -13.01 -15.18
C ARG C 109 -16.19 -13.78 -14.63
N GLU C 110 -16.00 -14.43 -13.49
CA GLU C 110 -17.07 -15.21 -12.87
C GLU C 110 -18.04 -14.40 -12.03
N LYS C 111 -17.50 -13.62 -11.10
CA LYS C 111 -18.30 -12.83 -10.17
C LYS C 111 -18.81 -11.48 -10.67
N LYS C 112 -18.17 -10.96 -11.67
CA LYS C 112 -18.61 -9.68 -12.20
C LYS C 112 -19.06 -8.76 -11.09
N PRO C 113 -18.09 -8.19 -10.37
CA PRO C 113 -18.45 -7.17 -9.38
C PRO C 113 -18.68 -5.82 -10.05
N LYS C 114 -19.26 -4.88 -9.31
CA LYS C 114 -19.49 -3.54 -9.83
C LYS C 114 -18.16 -2.83 -10.01
N VAL C 115 -17.25 -3.05 -9.06
CA VAL C 115 -15.96 -2.38 -9.10
C VAL C 115 -14.78 -3.30 -8.82
N VAL C 116 -13.67 -3.02 -9.50
CA VAL C 116 -12.42 -3.76 -9.35
C VAL C 116 -11.45 -2.67 -8.95
N PHE C 117 -10.86 -2.79 -7.76
CA PHE C 117 -9.94 -1.80 -7.22
C PHE C 117 -8.56 -2.42 -6.98
N MET C 118 -7.59 -2.11 -7.87
CA MET C 118 -6.25 -2.68 -7.77
C MET C 118 -5.14 -1.69 -7.47
N GLU C 119 -4.00 -2.22 -7.02
CA GLU C 119 -2.85 -1.40 -6.67
C GLU C 119 -1.55 -2.16 -6.93
N ASN C 120 -0.52 -1.42 -7.36
CA ASN C 120 0.80 -2.00 -7.60
C ASN C 120 1.82 -0.86 -7.61
N VAL C 121 3.08 -1.17 -7.89
CA VAL C 121 4.10 -0.13 -7.91
C VAL C 121 3.98 0.81 -9.12
N LYS C 122 4.57 1.98 -8.98
CA LYS C 122 4.57 3.00 -10.03
C LYS C 122 5.12 2.47 -11.35
N ASN C 123 6.18 1.68 -11.27
CA ASN C 123 6.81 1.12 -12.45
C ASN C 123 5.88 0.23 -13.27
N PHE C 124 4.76 -0.18 -12.67
CA PHE C 124 3.81 -1.03 -13.37
C PHE C 124 3.27 -0.29 -14.60
N ALA C 125 3.16 1.03 -14.49
CA ALA C 125 2.67 1.82 -15.61
C ALA C 125 3.67 1.94 -16.77
N SER C 126 4.96 1.74 -16.49
CA SER C 126 5.98 1.87 -17.52
C SER C 126 6.56 0.53 -17.95
N HIS C 127 6.54 -0.44 -17.04
CA HIS C 127 7.10 -1.75 -17.33
C HIS C 127 6.86 -2.24 -18.75
N ASP C 128 7.92 -2.77 -19.35
CA ASP C 128 7.86 -3.31 -20.69
C ASP C 128 7.24 -2.33 -21.70
N ASN C 129 7.81 -1.13 -21.77
CA ASN C 129 7.34 -0.09 -22.69
C ASN C 129 5.84 0.12 -22.61
N GLY C 130 5.28 -0.02 -21.42
CA GLY C 130 3.86 0.18 -21.25
C GLY C 130 2.98 -0.98 -21.67
N ASN C 131 3.57 -2.08 -22.14
CA ASN C 131 2.78 -3.24 -22.55
C ASN C 131 2.05 -3.88 -21.37
N THR C 132 2.70 -3.89 -20.21
CA THR C 132 2.08 -4.49 -19.02
C THR C 132 0.78 -3.78 -18.64
N LEU C 133 0.79 -2.45 -18.65
CA LEU C 133 -0.41 -1.70 -18.31
C LEU C 133 -1.49 -1.94 -19.37
N GLU C 134 -1.12 -1.82 -20.65
CA GLU C 134 -2.06 -2.03 -21.74
C GLU C 134 -2.74 -3.39 -21.63
N VAL C 135 -1.96 -4.41 -21.26
CA VAL C 135 -2.50 -5.75 -21.10
C VAL C 135 -3.63 -5.75 -20.06
N VAL C 136 -3.41 -5.03 -18.96
CA VAL C 136 -4.41 -4.98 -17.90
C VAL C 136 -5.65 -4.25 -18.40
N LYS C 137 -5.43 -3.10 -19.00
CA LYS C 137 -6.50 -2.27 -19.54
C LYS C 137 -7.37 -3.08 -20.50
N ASN C 138 -6.73 -3.70 -21.49
CA ASN C 138 -7.46 -4.49 -22.48
C ASN C 138 -8.20 -5.66 -21.86
N THR C 139 -7.57 -6.32 -20.90
CA THR C 139 -8.21 -7.45 -20.23
C THR C 139 -9.51 -6.98 -19.58
N MET C 140 -9.44 -5.86 -18.87
CA MET C 140 -10.59 -5.32 -18.18
C MET C 140 -11.66 -4.84 -19.16
N ASN C 141 -11.24 -4.21 -20.25
CA ASN C 141 -12.19 -3.75 -21.26
C ASN C 141 -12.96 -4.92 -21.86
N GLU C 142 -12.24 -6.01 -22.16
CA GLU C 142 -12.88 -7.19 -22.74
C GLU C 142 -13.82 -7.84 -21.73
N LEU C 143 -13.57 -7.59 -20.45
CA LEU C 143 -14.42 -8.13 -19.38
C LEU C 143 -15.62 -7.20 -19.18
N ASP C 144 -15.70 -6.17 -20.02
CA ASP C 144 -16.79 -5.20 -19.99
C ASP C 144 -16.68 -4.16 -18.86
N TYR C 145 -15.47 -3.65 -18.63
CA TYR C 145 -15.22 -2.64 -17.61
C TYR C 145 -14.49 -1.41 -18.16
N SER C 146 -14.72 -0.26 -17.57
CA SER C 146 -14.01 0.93 -17.90
C SER C 146 -12.69 0.83 -17.16
N PHE C 147 -11.65 1.55 -17.56
CA PHE C 147 -10.37 1.45 -16.88
C PHE C 147 -9.78 2.82 -16.54
N HIS C 148 -9.57 3.06 -15.25
CA HIS C 148 -9.02 4.33 -14.77
C HIS C 148 -7.76 4.02 -13.98
N ALA C 149 -6.63 4.53 -14.45
CA ALA C 149 -5.36 4.29 -13.79
C ALA C 149 -4.56 5.57 -13.58
N LYS C 150 -3.91 5.65 -12.43
CA LYS C 150 -3.12 6.81 -12.10
C LYS C 150 -2.15 6.53 -10.98
N VAL C 151 -0.95 7.08 -11.11
CA VAL C 151 0.07 6.93 -10.09
C VAL C 151 -0.13 8.05 -9.07
N LEU C 152 -0.20 7.70 -7.79
CA LEU C 152 -0.38 8.68 -6.74
C LEU C 152 0.70 8.55 -5.67
N ASN C 153 1.15 9.68 -5.14
CA ASN C 153 2.18 9.69 -4.12
C ASN C 153 1.56 9.98 -2.75
N ALA C 154 1.84 9.09 -1.78
CA ALA C 154 1.30 9.25 -0.44
C ALA C 154 1.53 10.63 0.17
N LEU C 155 2.65 11.27 -0.18
CA LEU C 155 2.99 12.59 0.36
C LEU C 155 1.99 13.69 -0.02
N ASP C 156 1.20 13.45 -1.07
CA ASP C 156 0.20 14.42 -1.51
C ASP C 156 -1.12 14.20 -0.81
N TYR C 157 -1.18 13.20 0.07
CA TYR C 157 -2.43 12.92 0.76
C TYR C 157 -2.35 12.82 2.27
N GLY C 158 -1.55 13.70 2.88
CA GLY C 158 -1.44 13.77 4.34
C GLY C 158 -0.51 12.78 5.00
N ILE C 159 0.18 11.94 4.23
CA ILE C 159 1.09 10.97 4.82
C ILE C 159 2.55 11.28 4.47
N PRO C 160 3.39 11.43 5.50
CA PRO C 160 4.82 11.74 5.34
C PRO C 160 5.69 10.59 4.84
N GLN C 161 5.38 10.08 3.66
CA GLN C 161 6.17 8.99 3.08
C GLN C 161 6.20 9.13 1.56
N LYS C 162 7.34 8.84 0.96
CA LYS C 162 7.42 8.90 -0.49
C LYS C 162 7.10 7.49 -0.97
N ARG C 163 5.84 7.25 -1.32
CA ARG C 163 5.43 5.95 -1.81
C ARG C 163 4.51 6.17 -3.01
N GLU C 164 5.09 6.06 -4.20
CA GLU C 164 4.35 6.26 -5.43
C GLU C 164 3.83 4.92 -5.92
N ARG C 165 2.52 4.81 -6.05
CA ARG C 165 1.91 3.57 -6.51
C ARG C 165 0.91 3.82 -7.60
N ILE C 166 0.62 2.79 -8.38
CA ILE C 166 -0.37 2.94 -9.43
C ILE C 166 -1.68 2.36 -8.87
N TYR C 167 -2.75 3.12 -9.03
CA TYR C 167 -4.06 2.72 -8.56
C TYR C 167 -4.93 2.54 -9.80
N MET C 168 -5.55 1.38 -9.90
CA MET C 168 -6.38 1.08 -11.06
C MET C 168 -7.80 0.77 -10.60
N ILE C 169 -8.73 1.61 -11.02
CA ILE C 169 -10.15 1.48 -10.68
C ILE C 169 -10.92 1.12 -11.95
N CYS C 170 -11.80 0.12 -11.87
CA CYS C 170 -12.59 -0.32 -13.02
C CYS C 170 -14.07 -0.48 -12.66
N PHE C 171 -14.94 0.18 -13.43
CA PHE C 171 -16.38 0.13 -13.20
C PHE C 171 -17.03 -0.72 -14.29
N ARG C 172 -18.00 -1.56 -13.92
CA ARG C 172 -18.67 -2.38 -14.91
C ARG C 172 -19.46 -1.43 -15.82
N ASN C 173 -19.36 -1.66 -17.12
CA ASN C 173 -20.02 -0.81 -18.11
C ASN C 173 -21.52 -0.54 -17.95
N ASP C 174 -22.29 -1.54 -17.55
CA ASP C 174 -23.72 -1.33 -17.41
C ASP C 174 -24.06 -0.27 -16.34
N LEU C 175 -23.07 0.09 -15.53
CA LEU C 175 -23.27 1.11 -14.48
C LEU C 175 -23.13 2.52 -15.03
N ASN C 176 -22.56 2.63 -16.23
CA ASN C 176 -22.37 3.91 -16.90
C ASN C 176 -21.76 5.02 -16.02
N ILE C 177 -20.66 4.71 -15.34
CA ILE C 177 -20.01 5.70 -14.49
C ILE C 177 -19.12 6.58 -15.37
N GLN C 178 -19.38 7.88 -15.36
CA GLN C 178 -18.62 8.82 -16.17
C GLN C 178 -18.01 9.91 -15.31
N ASN C 179 -18.25 9.86 -14.00
CA ASN C 179 -17.75 10.92 -13.14
C ASN C 179 -16.73 10.53 -12.08
N PHE C 180 -16.05 9.40 -12.27
CA PHE C 180 -15.06 9.01 -11.28
C PHE C 180 -13.83 9.88 -11.45
N GLN C 181 -13.25 10.27 -10.32
CA GLN C 181 -12.05 11.09 -10.36
C GLN C 181 -11.14 10.72 -9.20
N PHE C 182 -9.84 10.71 -9.47
CA PHE C 182 -8.87 10.41 -8.44
C PHE C 182 -8.83 11.64 -7.55
N PRO C 183 -8.64 11.46 -6.24
CA PRO C 183 -8.61 12.59 -5.31
C PRO C 183 -7.53 13.61 -5.65
N LYS C 184 -7.80 14.89 -5.36
CA LYS C 184 -6.83 15.93 -5.64
C LYS C 184 -5.84 16.02 -4.49
N PRO C 185 -4.56 16.28 -4.79
CA PRO C 185 -3.54 16.39 -3.73
C PRO C 185 -3.74 17.63 -2.87
N PHE C 186 -3.13 17.63 -1.70
CA PHE C 186 -3.21 18.77 -0.80
C PHE C 186 -1.94 18.92 0.03
N GLU C 187 -1.78 20.09 0.64
CA GLU C 187 -0.61 20.39 1.44
C GLU C 187 -0.35 19.44 2.60
N LEU C 188 0.88 18.93 2.67
CA LEU C 188 1.27 18.03 3.76
C LEU C 188 1.59 18.85 5.01
N ASN C 189 1.00 18.47 6.14
CA ASN C 189 1.22 19.21 7.39
C ASN C 189 1.78 18.34 8.51
N THR C 190 2.25 17.14 8.17
CA THR C 190 2.82 16.21 9.14
C THR C 190 4.10 15.64 8.56
N PHE C 191 5.10 15.45 9.41
CA PHE C 191 6.37 14.94 8.96
C PHE C 191 6.83 13.77 9.82
N VAL C 192 7.89 13.10 9.42
CA VAL C 192 8.37 11.94 10.15
C VAL C 192 8.54 12.15 11.66
N LYS C 193 9.12 13.29 12.03
CA LYS C 193 9.34 13.57 13.44
C LYS C 193 8.03 13.53 14.23
N ASP C 194 6.93 13.95 13.61
CA ASP C 194 5.64 13.97 14.29
C ASP C 194 5.05 12.57 14.55
N LEU C 195 5.62 11.55 13.93
CA LEU C 195 5.11 10.19 14.10
C LEU C 195 6.03 9.30 14.93
N LEU C 196 7.19 9.82 15.30
CA LEU C 196 8.14 9.04 16.08
C LEU C 196 7.70 8.73 17.50
N LEU C 197 8.15 7.59 18.00
CA LEU C 197 7.87 7.16 19.36
C LEU C 197 8.91 7.84 20.25
N PRO C 198 8.68 7.85 21.58
CA PRO C 198 9.65 8.48 22.48
C PRO C 198 10.99 7.72 22.41
N ASP C 199 12.10 8.43 22.61
CA ASP C 199 13.41 7.79 22.55
C ASP C 199 13.53 6.56 23.47
N SER C 200 12.86 6.62 24.61
CA SER C 200 12.92 5.51 25.57
C SER C 200 12.36 4.18 25.07
N GLU C 201 11.69 4.22 23.93
CA GLU C 201 11.10 2.99 23.38
C GLU C 201 11.84 2.44 22.17
N VAL C 202 12.87 3.13 21.70
CA VAL C 202 13.59 2.70 20.52
C VAL C 202 15.11 2.68 20.62
N GLU C 203 15.63 2.74 21.85
CA GLU C 203 17.06 2.74 22.07
C GLU C 203 17.72 1.55 21.36
N HIS C 204 17.04 0.41 21.37
CA HIS C 204 17.57 -0.80 20.75
C HIS C 204 17.71 -0.71 19.24
N LEU C 205 17.04 0.27 18.63
CA LEU C 205 17.09 0.44 17.20
C LEU C 205 18.24 1.34 16.75
N VAL C 206 18.89 1.97 17.74
CA VAL C 206 20.01 2.87 17.45
C VAL C 206 21.20 2.10 16.89
N ILE C 207 21.78 2.62 15.81
CA ILE C 207 22.92 1.99 15.18
C ILE C 207 24.08 2.97 15.15
N ASP C 208 25.24 2.54 15.64
CA ASP C 208 26.41 3.39 15.66
C ASP C 208 27.49 2.84 14.74
N ARG C 209 27.49 3.31 13.50
CA ARG C 209 28.47 2.86 12.51
C ARG C 209 29.66 3.81 12.50
N LYS C 210 30.86 3.24 12.50
CA LYS C 210 32.08 4.03 12.50
C LYS C 210 32.29 4.67 11.13
N ASP C 211 31.71 4.06 10.10
CA ASP C 211 31.87 4.57 8.74
C ASP C 211 30.72 5.48 8.28
N LEU C 212 30.10 6.17 9.23
CA LEU C 212 29.01 7.10 8.90
C LEU C 212 29.63 8.33 8.25
N VAL C 213 28.96 8.84 7.23
CA VAL C 213 29.46 10.01 6.51
C VAL C 213 28.37 11.05 6.28
N MET C 214 28.37 12.12 7.06
CA MET C 214 27.39 13.18 6.89
C MET C 214 27.59 13.89 5.56
N THR C 215 26.62 13.78 4.68
CA THR C 215 26.70 14.40 3.37
C THR C 215 25.96 15.73 3.29
N ASN C 216 25.05 15.96 4.23
CA ASN C 216 24.27 17.20 4.27
C ASN C 216 23.94 17.56 5.71
N GLN C 217 23.79 18.85 5.98
CA GLN C 217 23.48 19.32 7.32
C GLN C 217 21.99 19.22 7.61
N GLU C 218 21.66 18.84 8.84
CA GLU C 218 20.28 18.74 9.25
C GLU C 218 19.58 20.06 8.94
N ILE C 219 18.39 19.97 8.34
CA ILE C 219 17.61 21.15 8.01
C ILE C 219 16.76 21.54 9.23
N GLU C 220 16.39 22.80 9.33
CA GLU C 220 15.59 23.26 10.46
C GLU C 220 14.13 23.52 10.06
N GLN C 221 13.86 23.52 8.76
CA GLN C 221 12.51 23.74 8.24
C GLN C 221 11.94 22.49 7.59
N THR C 222 10.75 22.10 8.01
CA THR C 222 10.12 20.91 7.46
C THR C 222 9.82 21.07 5.97
N THR C 223 9.94 19.98 5.22
CA THR C 223 9.71 19.99 3.79
C THR C 223 9.09 18.68 3.32
N PRO C 224 8.24 18.73 2.27
CA PRO C 224 7.54 17.57 1.68
C PRO C 224 8.38 16.71 0.77
N LYS C 225 9.59 16.37 1.21
CA LYS C 225 10.46 15.54 0.37
C LYS C 225 11.44 14.76 1.24
N THR C 226 12.14 13.81 0.61
CA THR C 226 13.13 13.03 1.36
C THR C 226 14.40 13.85 1.38
N VAL C 227 15.00 13.94 2.56
CA VAL C 227 16.23 14.69 2.73
C VAL C 227 17.33 13.78 3.26
N ARG C 228 18.22 13.37 2.36
CA ARG C 228 19.33 12.51 2.76
C ARG C 228 20.40 13.32 3.51
N LEU C 229 20.75 12.89 4.71
CA LEU C 229 21.75 13.59 5.51
C LEU C 229 23.12 12.93 5.44
N GLY C 230 23.16 11.64 5.14
CA GLY C 230 24.43 10.94 5.06
C GLY C 230 24.27 9.47 4.70
N ILE C 231 25.38 8.72 4.75
CA ILE C 231 25.37 7.29 4.42
C ILE C 231 26.37 6.51 5.25
N VAL C 232 26.28 5.19 5.16
CA VAL C 232 27.18 4.27 5.82
C VAL C 232 27.61 3.32 4.73
N GLY C 233 28.71 2.61 4.92
CA GLY C 233 29.14 1.67 3.89
C GLY C 233 29.26 2.36 2.53
N LYS C 234 28.75 1.70 1.49
CA LYS C 234 28.79 2.25 0.13
C LYS C 234 27.56 3.09 -0.22
N GLY C 235 26.69 3.31 0.75
CA GLY C 235 25.51 4.12 0.50
C GLY C 235 24.42 3.48 -0.35
N GLY C 236 24.35 2.15 -0.34
CA GLY C 236 23.33 1.48 -1.13
C GLY C 236 22.00 1.46 -0.38
N GLN C 237 21.08 0.63 -0.83
CA GLN C 237 19.78 0.55 -0.17
C GLN C 237 19.96 0.11 1.29
N GLY C 238 19.36 0.86 2.22
CA GLY C 238 19.46 0.50 3.62
C GLY C 238 20.71 1.05 4.28
N GLU C 239 21.47 1.87 3.56
CA GLU C 239 22.69 2.45 4.08
C GLU C 239 22.63 3.97 3.89
N ARG C 240 21.41 4.50 3.93
CA ARG C 240 21.19 5.92 3.74
C ARG C 240 20.43 6.51 4.93
N ILE C 241 20.93 7.63 5.45
CA ILE C 241 20.32 8.29 6.60
C ILE C 241 19.57 9.53 6.12
N TYR C 242 18.35 9.70 6.63
CA TYR C 242 17.52 10.81 6.23
C TYR C 242 17.07 11.66 7.43
N SER C 243 16.56 12.85 7.11
CA SER C 243 16.09 13.77 8.13
C SER C 243 14.63 13.51 8.47
N THR C 244 14.30 13.61 9.76
CA THR C 244 12.94 13.39 10.23
C THR C 244 12.15 14.67 9.98
N ARG C 245 12.82 15.68 9.47
CA ARG C 245 12.16 16.93 9.18
C ARG C 245 11.57 16.86 7.76
N GLY C 246 11.95 15.80 7.05
CA GLY C 246 11.43 15.58 5.71
C GLY C 246 10.42 14.45 5.78
N ILE C 247 10.26 13.69 4.69
CA ILE C 247 9.33 12.58 4.71
C ILE C 247 10.11 11.27 4.68
N ALA C 248 9.46 10.19 5.07
CA ALA C 248 10.13 8.89 5.10
C ALA C 248 10.28 8.30 3.70
N ILE C 249 11.36 7.54 3.48
CA ILE C 249 11.54 6.90 2.19
C ILE C 249 10.56 5.73 2.14
N THR C 250 10.32 5.18 0.96
CA THR C 250 9.38 4.10 0.86
C THR C 250 9.82 2.85 1.64
N LEU C 251 8.90 2.29 2.40
CA LEU C 251 9.17 1.10 3.20
C LEU C 251 9.34 -0.12 2.30
N SER C 252 10.35 -0.95 2.62
CA SER C 252 10.68 -2.14 1.85
C SER C 252 10.32 -3.43 2.56
N ALA C 253 9.90 -4.44 1.79
CA ALA C 253 9.53 -5.73 2.36
C ALA C 253 10.66 -6.75 2.29
N TYR C 254 11.45 -6.71 1.22
CA TYR C 254 12.55 -7.66 1.04
C TYR C 254 13.91 -6.96 0.99
N GLY C 255 13.93 -5.68 1.32
CA GLY C 255 15.17 -4.92 1.29
C GLY C 255 16.22 -5.31 2.30
N GLY C 256 17.46 -4.86 2.05
CA GLY C 256 18.55 -5.15 2.95
C GLY C 256 19.26 -3.91 3.45
N GLY C 257 20.54 -4.07 3.75
CA GLY C 257 21.32 -2.96 4.28
C GLY C 257 21.24 -2.97 5.78
N ILE C 258 22.18 -2.29 6.45
CA ILE C 258 22.20 -2.24 7.90
C ILE C 258 20.92 -1.62 8.47
N PHE C 259 20.30 -0.71 7.71
CA PHE C 259 19.05 -0.06 8.11
C PHE C 259 17.92 -0.70 7.30
N ALA C 260 17.95 -2.00 7.15
CA ALA C 260 17.01 -2.75 6.32
C ALA C 260 15.51 -2.54 6.48
N LYS C 261 14.84 -2.35 5.33
CA LYS C 261 13.38 -2.17 5.22
C LYS C 261 12.77 -0.90 5.77
N THR C 262 13.51 -0.08 6.52
CA THR C 262 12.91 1.19 7.01
C THR C 262 13.78 2.37 6.61
N GLY C 263 15.09 2.13 6.53
CA GLY C 263 16.02 3.20 6.21
C GLY C 263 16.48 3.75 7.53
N GLY C 264 17.51 4.61 7.50
CA GLY C 264 18.01 5.19 8.73
C GLY C 264 17.59 6.63 8.91
N TYR C 265 17.37 7.03 10.16
CA TYR C 265 16.97 8.41 10.44
C TYR C 265 17.76 9.06 11.55
N LEU C 266 18.06 10.35 11.37
CA LEU C 266 18.78 11.10 12.37
C LEU C 266 17.81 11.56 13.42
N VAL C 267 17.87 10.96 14.61
CA VAL C 267 16.96 11.34 15.68
C VAL C 267 17.72 11.78 16.92
N ASN C 268 17.55 13.06 17.29
CA ASN C 268 18.21 13.62 18.45
C ASN C 268 19.71 13.29 18.51
N GLY C 269 20.42 13.52 17.41
CA GLY C 269 21.84 13.26 17.37
C GLY C 269 22.29 11.84 17.05
N LYS C 270 21.36 10.89 17.04
CA LYS C 270 21.70 9.50 16.75
C LYS C 270 21.02 8.96 15.48
N THR C 271 21.61 7.92 14.89
CA THR C 271 21.02 7.30 13.71
C THR C 271 20.39 5.96 14.07
N ARG C 272 19.15 5.74 13.62
CA ARG C 272 18.45 4.49 13.91
C ARG C 272 17.39 4.14 12.87
N LYS C 273 16.94 2.89 12.91
CA LYS C 273 15.90 2.41 12.01
C LYS C 273 14.59 2.80 12.64
N LEU C 274 13.50 2.57 11.94
CA LEU C 274 12.19 2.89 12.49
C LEU C 274 11.68 1.65 13.21
N HIS C 275 10.80 1.88 14.18
CA HIS C 275 10.20 0.81 14.96
C HIS C 275 8.93 0.40 14.22
N PRO C 276 8.54 -0.89 14.32
CA PRO C 276 7.35 -1.41 13.65
C PRO C 276 6.13 -0.49 13.78
N ARG C 277 5.95 0.08 14.95
CA ARG C 277 4.82 0.98 15.20
C ARG C 277 4.95 2.22 14.32
N GLU C 278 6.17 2.76 14.25
CA GLU C 278 6.40 3.94 13.44
C GLU C 278 6.12 3.58 11.98
N CYS C 279 6.44 2.35 11.60
CA CYS C 279 6.18 1.88 10.23
C CYS C 279 4.68 1.84 9.98
N ALA C 280 3.93 1.44 11.00
CA ALA C 280 2.48 1.37 10.88
C ALA C 280 1.92 2.77 10.68
N ARG C 281 2.45 3.73 11.44
CA ARG C 281 1.98 5.09 11.32
C ARG C 281 2.33 5.73 9.97
N VAL C 282 3.49 5.40 9.41
CA VAL C 282 3.85 5.99 8.12
C VAL C 282 3.02 5.33 7.02
N MET C 283 2.31 4.25 7.35
CA MET C 283 1.45 3.58 6.37
C MET C 283 -0.02 3.96 6.66
N GLY C 284 -0.22 4.83 7.64
CA GLY C 284 -1.57 5.25 7.95
C GLY C 284 -2.35 4.31 8.85
N TYR C 285 -1.69 3.28 9.39
CA TYR C 285 -2.36 2.36 10.28
C TYR C 285 -2.59 3.03 11.64
N PRO C 286 -3.79 2.83 12.22
CA PRO C 286 -4.13 3.41 13.53
C PRO C 286 -3.34 2.70 14.64
N ASP C 287 -3.04 3.40 15.72
CA ASP C 287 -2.28 2.77 16.82
C ASP C 287 -3.02 1.55 17.37
N SER C 288 -4.34 1.48 17.17
CA SER C 288 -5.12 0.34 17.68
C SER C 288 -4.86 -0.97 16.91
N TYR C 289 -4.20 -0.87 15.75
CA TYR C 289 -3.90 -2.05 14.97
C TYR C 289 -2.73 -2.82 15.60
N LYS C 290 -2.92 -4.12 15.80
CA LYS C 290 -1.89 -4.96 16.41
C LYS C 290 -0.87 -5.45 15.39
N VAL C 291 0.40 -5.17 15.64
CA VAL C 291 1.44 -5.62 14.73
C VAL C 291 1.83 -7.04 15.07
N HIS C 292 2.36 -7.75 14.09
CA HIS C 292 2.77 -9.12 14.28
C HIS C 292 3.91 -9.16 15.28
N PRO C 293 3.90 -10.14 16.20
CA PRO C 293 4.92 -10.33 17.24
C PRO C 293 6.36 -10.34 16.71
N SER C 294 6.60 -11.00 15.59
CA SER C 294 7.95 -11.01 15.04
C SER C 294 8.21 -9.67 14.35
N THR C 295 9.21 -8.92 14.82
CA THR C 295 9.51 -7.62 14.22
C THR C 295 9.93 -7.78 12.78
N SER C 296 10.62 -8.87 12.48
CA SER C 296 11.08 -9.14 11.13
C SER C 296 9.88 -9.35 10.20
N GLN C 297 8.86 -10.03 10.68
CA GLN C 297 7.68 -10.25 9.84
C GLN C 297 6.87 -8.96 9.77
N ALA C 298 6.93 -8.17 10.83
CA ALA C 298 6.19 -6.91 10.87
C ALA C 298 6.75 -5.92 9.84
N TYR C 299 8.09 -5.86 9.74
CA TYR C 299 8.70 -4.96 8.78
C TYR C 299 8.31 -5.40 7.37
N LYS C 300 8.37 -6.71 7.14
CA LYS C 300 8.02 -7.25 5.84
C LYS C 300 6.59 -6.92 5.46
N GLN C 301 5.67 -7.11 6.39
CA GLN C 301 4.26 -6.85 6.11
C GLN C 301 3.99 -5.38 5.79
N PHE C 302 4.58 -4.48 6.55
CA PHE C 302 4.36 -3.05 6.29
C PHE C 302 5.02 -2.64 4.99
N GLY C 303 6.14 -3.28 4.67
CA GLY C 303 6.84 -2.97 3.44
C GLY C 303 5.99 -3.28 2.23
N ASN C 304 5.19 -4.35 2.32
CA ASN C 304 4.30 -4.79 1.24
C ASN C 304 2.95 -4.09 1.24
N SER C 305 2.65 -3.40 2.33
CA SER C 305 1.31 -2.81 2.49
C SER C 305 1.00 -1.56 1.68
N VAL C 306 -0.24 -1.11 1.82
CA VAL C 306 -0.74 0.08 1.15
C VAL C 306 -0.94 1.19 2.19
N VAL C 307 -0.98 2.43 1.73
CA VAL C 307 -1.19 3.56 2.63
C VAL C 307 -2.71 3.72 2.78
N ILE C 308 -3.19 3.53 4.01
CA ILE C 308 -4.61 3.61 4.32
C ILE C 308 -5.31 4.88 3.84
N ASN C 309 -4.73 6.03 4.15
CA ASN C 309 -5.34 7.30 3.78
C ASN C 309 -5.62 7.43 2.28
N VAL C 310 -4.65 7.05 1.45
CA VAL C 310 -4.83 7.16 0.02
C VAL C 310 -5.99 6.28 -0.43
N LEU C 311 -6.07 5.07 0.12
CA LEU C 311 -7.15 4.17 -0.25
C LEU C 311 -8.48 4.71 0.23
N GLN C 312 -8.48 5.41 1.36
CA GLN C 312 -9.71 5.98 1.88
C GLN C 312 -10.28 7.03 0.92
N TYR C 313 -9.45 7.97 0.49
CA TYR C 313 -9.92 9.01 -0.43
C TYR C 313 -10.44 8.40 -1.73
N ILE C 314 -9.77 7.37 -2.22
CA ILE C 314 -10.18 6.72 -3.44
C ILE C 314 -11.49 5.98 -3.22
N ALA C 315 -11.57 5.25 -2.11
CA ALA C 315 -12.79 4.51 -1.81
C ALA C 315 -13.99 5.45 -1.74
N TYR C 316 -13.79 6.61 -1.12
CA TYR C 316 -14.87 7.59 -0.99
C TYR C 316 -15.31 8.10 -2.35
N ASN C 317 -14.36 8.31 -3.26
CA ASN C 317 -14.70 8.79 -4.59
C ASN C 317 -15.39 7.72 -5.43
N ILE C 318 -15.08 6.45 -5.16
CA ILE C 318 -15.71 5.36 -5.88
C ILE C 318 -17.17 5.34 -5.46
N GLY C 319 -17.39 5.53 -4.16
CA GLY C 319 -18.73 5.54 -3.63
C GLY C 319 -19.50 6.73 -4.14
N SER C 320 -18.83 7.88 -4.18
CA SER C 320 -19.46 9.10 -4.66
C SER C 320 -20.01 8.89 -6.07
N SER C 321 -19.24 8.20 -6.90
CA SER C 321 -19.66 7.95 -8.26
C SER C 321 -20.79 6.91 -8.33
N LEU C 322 -20.69 5.86 -7.54
CA LEU C 322 -21.73 4.84 -7.56
C LEU C 322 -23.07 5.40 -7.06
N ASN C 323 -23.02 6.39 -6.17
CA ASN C 323 -24.24 6.97 -5.61
C ASN C 323 -24.90 8.07 -6.44
N PHE C 324 -24.20 8.58 -7.45
CA PHE C 324 -24.78 9.62 -8.29
C PHE C 324 -25.68 8.93 -9.32
N LYS C 325 -26.95 8.77 -8.99
CA LYS C 325 -27.87 8.10 -9.90
C LYS C 325 -29.09 8.97 -10.16
N PRO C 326 -28.90 10.14 -10.79
CA PRO C 326 -30.03 11.03 -11.07
C PRO C 326 -31.04 10.45 -12.03
N TYR C 327 -32.24 11.03 -12.03
CA TYR C 327 -33.31 10.58 -12.90
C TYR C 327 -33.10 11.08 -14.33
N SAH D . -2.75 -5.23 0.35
CA SAH D . -1.80 -5.80 1.35
CB SAH D . -0.42 -5.88 0.71
CG SAH D . -0.38 -6.94 -0.41
SD SAH D . 1.27 -7.46 -0.93
C SAH D . -1.83 -4.94 2.67
O SAH D . -2.88 -4.23 2.87
OXT SAH D . -0.97 -5.20 3.61
C5' SAH D . 0.81 -8.95 -1.83
C4' SAH D . 0.32 -10.09 -0.91
O4' SAH D . 0.02 -11.16 -1.79
C3' SAH D . 1.39 -10.63 0.19
O3' SAH D . 1.00 -10.52 1.56
C2' SAH D . 1.56 -12.06 -0.28
O2' SAH D . 1.90 -13.06 0.70
C1' SAH D . 0.26 -12.35 -1.03
N9 SAH D . 0.27 -13.39 -2.04
C8 SAH D . 1.24 -13.62 -3.08
N7 SAH D . 0.91 -14.62 -3.81
C5 SAH D . -0.30 -15.10 -3.29
C6 SAH D . -1.19 -16.21 -3.62
N6 SAH D . -0.90 -17.04 -4.63
N1 SAH D . -2.37 -16.48 -2.86
C2 SAH D . -2.65 -15.66 -1.81
N3 SAH D . -1.89 -14.58 -1.39
C4 SAH D . -0.72 -14.34 -2.19
#